data_3UZA
#
_entry.id   3UZA
#
_cell.length_a   111.814
_cell.length_b   111.896
_cell.length_c   125.841
_cell.angle_alpha   90.00
_cell.angle_beta   90.00
_cell.angle_gamma   90.00
#
_symmetry.space_group_name_H-M   'I 2 2 2'
#
loop_
_entity.id
_entity.type
_entity.pdbx_description
1 polymer 'Adenosine receptor A2a'
2 non-polymer 6-(2,6-dimethylpyridin-4-yl)-5-phenyl-1,2,4-triazin-3-amine
#
_entity_poly.entity_id   1
_entity_poly.type   'polypeptide(L)'
_entity_poly.pdbx_seq_one_letter_code
;MPIMGSSVYITVELAIAVLAILGNVLVCWAVWLNSNLQNVTNYFVVSLAAADILVGVLAIPFAITISTGFCAACHGCLFI
ACFVLVLAQSSIFSLLAIAIDRYIAIAIPLRYNGLVTGTRAAGIIAICWVLSFAIGLTPMLGWNNCGQPKEGKNHSQGCG
EGQVACLFEDVVPMNYMVYFNFFACVLVPLLLMLGVYLRIFAAARRQLKQMESQPLPGERARSTLQKEVHAAKSAAIIAG
LFALCWLPLHIINCFTFFCPDCSHAPLWLMYLAIVLAHTNSVVNPFIYAYRIREFRQTFRKIIRSHVLRQQEPFKAAAAH
HHHHHHHHH
;
_entity_poly.pdbx_strand_id   A
#
# COMPACT_ATOMS: atom_id res chain seq x y z
N SER A 7 21.43 -11.12 14.90
CA SER A 7 21.72 -10.32 13.71
C SER A 7 21.10 -10.94 12.46
N VAL A 8 20.01 -11.69 12.64
CA VAL A 8 19.33 -12.32 11.52
C VAL A 8 18.15 -11.49 11.06
N TYR A 9 17.35 -11.01 12.02
CA TYR A 9 16.25 -10.10 11.70
C TYR A 9 16.84 -8.91 10.95
N ILE A 10 18.01 -8.48 11.38
CA ILE A 10 18.71 -7.37 10.74
C ILE A 10 19.09 -7.73 9.30
N THR A 11 19.62 -8.94 9.12
CA THR A 11 20.03 -9.41 7.80
C THR A 11 18.82 -9.52 6.86
N VAL A 12 17.77 -10.15 7.33
CA VAL A 12 16.56 -10.32 6.53
C VAL A 12 15.92 -8.99 6.16
N GLU A 13 15.81 -8.11 7.15
CA GLU A 13 15.25 -6.78 6.93
C GLU A 13 16.03 -6.02 5.86
N LEU A 14 17.35 -6.15 5.90
CA LEU A 14 18.22 -5.52 4.91
C LEU A 14 17.99 -6.11 3.53
N ALA A 15 17.95 -7.44 3.45
CA ALA A 15 17.67 -8.13 2.19
C ALA A 15 16.39 -7.58 1.56
N ILE A 16 15.36 -7.39 2.38
CA ILE A 16 14.10 -6.84 1.91
C ILE A 16 14.28 -5.42 1.37
N ALA A 17 14.97 -4.59 2.15
CA ALA A 17 15.23 -3.20 1.78
C ALA A 17 15.78 -3.08 0.36
N VAL A 18 16.78 -3.88 0.05
CA VAL A 18 17.41 -3.88 -1.27
C VAL A 18 16.37 -4.15 -2.36
N LEU A 19 15.58 -5.20 -2.19
CA LEU A 19 14.57 -5.58 -3.17
C LEU A 19 13.51 -4.51 -3.36
N ALA A 20 12.98 -3.99 -2.25
CA ALA A 20 11.99 -2.93 -2.29
C ALA A 20 12.48 -1.75 -3.12
N ILE A 21 13.73 -1.36 -2.89
CA ILE A 21 14.33 -0.27 -3.64
C ILE A 21 14.49 -0.63 -5.11
N LEU A 22 15.20 -1.72 -5.38
CA LEU A 22 15.44 -2.16 -6.75
C LEU A 22 14.14 -2.35 -7.53
N GLY A 23 13.20 -3.09 -6.94
CA GLY A 23 11.95 -3.42 -7.60
C GLY A 23 11.15 -2.21 -8.05
N ASN A 24 10.69 -1.41 -7.10
CA ASN A 24 9.87 -0.25 -7.41
C ASN A 24 10.62 0.82 -8.21
N VAL A 25 11.91 0.99 -7.93
CA VAL A 25 12.72 1.92 -8.72
C VAL A 25 12.73 1.48 -10.18
N LEU A 26 12.86 0.17 -10.38
CA LEU A 26 12.78 -0.41 -11.71
C LEU A 26 11.43 -0.12 -12.34
N VAL A 27 10.37 -0.32 -11.56
CA VAL A 27 9.01 -0.05 -12.01
C VAL A 27 8.83 1.41 -12.42
N CYS A 28 9.44 2.31 -11.67
CA CYS A 28 9.39 3.74 -11.98
C CYS A 28 10.14 4.03 -13.28
N TRP A 29 11.31 3.42 -13.40
CA TRP A 29 12.17 3.61 -14.56
C TRP A 29 11.45 3.11 -15.82
N ALA A 30 10.93 1.89 -15.74
CA ALA A 30 10.21 1.29 -16.86
C ALA A 30 9.10 2.21 -17.37
N VAL A 31 8.38 2.83 -16.44
CA VAL A 31 7.32 3.76 -16.78
C VAL A 31 7.88 5.00 -17.48
N TRP A 32 9.03 5.47 -16.99
CA TRP A 32 9.65 6.66 -17.55
C TRP A 32 10.14 6.43 -18.97
N LEU A 33 10.67 5.24 -19.22
CA LEU A 33 11.14 4.87 -20.55
C LEU A 33 9.97 4.56 -21.48
N ASN A 34 9.20 3.52 -21.14
CA ASN A 34 8.11 3.07 -21.98
C ASN A 34 6.88 3.97 -21.88
N SER A 35 6.60 4.69 -22.96
CA SER A 35 5.48 5.62 -23.00
C SER A 35 4.14 4.88 -23.14
N ASN A 36 4.22 3.58 -23.39
CA ASN A 36 3.02 2.75 -23.46
C ASN A 36 2.54 2.35 -22.08
N LEU A 37 3.29 2.76 -21.06
CA LEU A 37 2.93 2.50 -19.67
C LEU A 37 2.55 3.82 -18.98
N GLN A 38 2.81 4.92 -19.67
CA GLN A 38 2.54 6.25 -19.12
C GLN A 38 1.06 6.62 -19.23
N ASN A 39 0.19 5.73 -18.74
CA ASN A 39 -1.24 6.00 -18.74
C ASN A 39 -1.68 6.61 -17.41
N VAL A 40 -2.83 7.26 -17.41
CA VAL A 40 -3.34 7.91 -16.20
C VAL A 40 -3.45 6.92 -15.04
N THR A 41 -3.71 5.67 -15.38
CA THR A 41 -3.86 4.61 -14.38
C THR A 41 -2.58 4.41 -13.57
N ASN A 42 -1.45 4.34 -14.27
CA ASN A 42 -0.17 4.05 -13.64
C ASN A 42 0.44 5.23 -12.89
N TYR A 43 -0.20 6.39 -12.97
CA TYR A 43 0.22 7.54 -12.19
C TYR A 43 0.15 7.18 -10.71
N PHE A 44 -0.90 6.46 -10.34
CA PHE A 44 -1.07 5.99 -8.97
C PHE A 44 -0.09 4.87 -8.64
N VAL A 45 0.20 4.04 -9.63
CA VAL A 45 1.16 2.96 -9.46
C VAL A 45 2.53 3.49 -9.04
N VAL A 46 2.91 4.63 -9.60
CA VAL A 46 4.14 5.30 -9.23
C VAL A 46 4.09 5.77 -7.77
N SER A 47 2.93 6.29 -7.38
CA SER A 47 2.70 6.69 -6.00
C SER A 47 2.94 5.50 -5.08
N LEU A 48 2.48 4.33 -5.53
CA LEU A 48 2.72 3.08 -4.82
C LEU A 48 4.21 2.76 -4.81
N ALA A 49 4.88 3.01 -5.93
CA ALA A 49 6.31 2.76 -6.04
C ALA A 49 7.09 3.63 -5.07
N ALA A 50 6.97 4.95 -5.22
CA ALA A 50 7.64 5.88 -4.32
C ALA A 50 7.32 5.56 -2.87
N ALA A 51 6.05 5.35 -2.57
CA ALA A 51 5.62 5.05 -1.21
C ALA A 51 6.29 3.79 -0.67
N ASP A 52 6.34 2.76 -1.49
CA ASP A 52 6.91 1.48 -1.08
C ASP A 52 8.43 1.42 -1.21
N ILE A 53 9.00 2.31 -2.03
CA ILE A 53 10.46 2.41 -2.11
C ILE A 53 10.98 2.95 -0.79
N LEU A 54 10.33 4.00 -0.30
CA LEU A 54 10.74 4.66 0.94
C LEU A 54 10.68 3.71 2.14
N VAL A 55 9.97 2.61 1.98
CA VAL A 55 9.97 1.58 3.02
C VAL A 55 11.38 1.09 3.22
N GLY A 56 11.99 0.54 2.18
CA GLY A 56 13.36 0.10 2.24
C GLY A 56 14.32 1.25 2.47
N VAL A 57 13.89 2.45 2.10
CA VAL A 57 14.72 3.64 2.24
C VAL A 57 14.75 4.17 3.67
N LEU A 58 13.58 4.22 4.30
CA LEU A 58 13.46 4.81 5.63
C LEU A 58 12.72 3.91 6.62
N ALA A 59 11.50 3.53 6.28
CA ALA A 59 10.67 2.71 7.16
C ALA A 59 11.43 1.52 7.74
N ILE A 60 12.04 0.72 6.86
CA ILE A 60 12.81 -0.44 7.30
C ILE A 60 14.00 -0.04 8.17
N PRO A 61 14.81 0.92 7.71
CA PRO A 61 15.88 1.45 8.56
C PRO A 61 15.37 1.86 9.95
N PHE A 62 14.28 2.62 9.99
CA PHE A 62 13.69 3.06 11.25
C PHE A 62 13.19 1.87 12.06
N ALA A 63 12.43 1.00 11.41
CA ALA A 63 11.87 -0.19 12.06
C ALA A 63 12.96 -1.02 12.75
N ILE A 64 14.07 -1.23 12.05
CA ILE A 64 15.20 -1.96 12.60
C ILE A 64 15.80 -1.21 13.79
N THR A 65 15.83 0.11 13.69
CA THR A 65 16.37 0.94 14.75
C THR A 65 15.49 0.93 15.99
N ILE A 66 14.20 1.19 15.80
CA ILE A 66 13.25 1.27 16.89
C ILE A 66 13.05 -0.09 17.57
N SER A 67 13.44 -1.16 16.89
CA SER A 67 13.30 -2.50 17.45
C SER A 67 14.09 -2.62 18.73
N THR A 68 15.31 -2.08 18.73
CA THR A 68 16.16 -2.11 19.90
C THR A 68 15.86 -0.93 20.83
N GLY A 69 15.24 0.11 20.27
CA GLY A 69 14.87 1.28 21.04
C GLY A 69 16.02 2.24 21.25
N PHE A 70 15.71 3.53 21.30
CA PHE A 70 16.74 4.55 21.51
C PHE A 70 16.22 5.70 22.36
N CYS A 71 16.99 6.78 22.41
CA CYS A 71 16.61 7.94 23.21
C CYS A 71 16.57 9.21 22.37
N ALA A 72 15.41 9.85 22.31
CA ALA A 72 15.24 11.07 21.54
C ALA A 72 13.99 11.82 21.96
N ALA A 73 13.86 13.06 21.50
CA ALA A 73 12.70 13.88 21.82
C ALA A 73 11.42 13.21 21.34
N CYS A 74 10.27 13.74 21.75
CA CYS A 74 8.99 13.16 21.37
C CYS A 74 8.75 13.32 19.87
N HIS A 75 9.03 14.50 19.34
CA HIS A 75 8.87 14.75 17.92
C HIS A 75 9.72 13.79 17.08
N GLY A 76 11.03 13.79 17.35
CA GLY A 76 11.95 12.92 16.64
C GLY A 76 11.62 11.44 16.81
N CYS A 77 11.10 11.09 17.97
CA CYS A 77 10.77 9.69 18.27
C CYS A 77 9.47 9.27 17.59
N LEU A 78 8.48 10.16 17.60
CA LEU A 78 7.20 9.88 16.97
C LEU A 78 7.35 9.74 15.46
N PHE A 79 8.04 10.69 14.83
CA PHE A 79 8.25 10.64 13.38
C PHE A 79 8.81 9.29 12.96
N ILE A 80 9.87 8.86 13.64
CA ILE A 80 10.51 7.58 13.34
C ILE A 80 9.55 6.40 13.54
N ALA A 81 8.63 6.53 14.50
CA ALA A 81 7.71 5.45 14.82
C ALA A 81 6.46 5.46 13.96
N CYS A 82 6.03 6.64 13.55
CA CYS A 82 4.78 6.79 12.81
C CYS A 82 5.01 7.00 11.30
N PHE A 83 6.27 7.10 10.91
CA PHE A 83 6.59 7.30 9.50
C PHE A 83 6.06 6.16 8.64
N VAL A 84 6.13 4.95 9.17
CA VAL A 84 5.65 3.77 8.46
C VAL A 84 4.15 3.88 8.19
N LEU A 85 3.43 4.52 9.10
CA LEU A 85 1.98 4.70 8.95
C LEU A 85 1.66 5.55 7.72
N VAL A 86 2.51 6.53 7.43
CA VAL A 86 2.34 7.40 6.27
C VAL A 86 2.44 6.60 4.96
N LEU A 87 3.51 5.83 4.83
CA LEU A 87 3.70 5.00 3.63
C LEU A 87 2.58 3.99 3.48
N ALA A 88 2.17 3.39 4.60
CA ALA A 88 1.11 2.39 4.58
C ALA A 88 -0.25 3.02 4.28
N GLN A 89 -0.43 4.27 4.71
CA GLN A 89 -1.69 4.97 4.47
C GLN A 89 -1.75 5.49 3.04
N SER A 90 -0.61 5.94 2.53
CA SER A 90 -0.54 6.43 1.15
C SER A 90 -0.86 5.30 0.18
N SER A 91 -0.38 4.09 0.50
CA SER A 91 -0.67 2.93 -0.33
C SER A 91 -2.17 2.66 -0.39
N ILE A 92 -2.86 2.90 0.73
CA ILE A 92 -4.30 2.71 0.80
C ILE A 92 -5.03 3.53 -0.26
N PHE A 93 -4.74 4.82 -0.30
CA PHE A 93 -5.33 5.73 -1.28
C PHE A 93 -5.00 5.28 -2.70
N SER A 94 -3.72 4.98 -2.95
CA SER A 94 -3.29 4.50 -4.25
C SER A 94 -4.07 3.26 -4.68
N LEU A 95 -4.09 2.27 -3.80
CA LEU A 95 -4.80 1.03 -4.06
C LEU A 95 -6.29 1.28 -4.32
N LEU A 96 -6.88 2.18 -3.53
CA LEU A 96 -8.30 2.51 -3.67
C LEU A 96 -8.55 3.22 -4.98
N ALA A 97 -7.74 4.23 -5.29
CA ALA A 97 -7.85 4.97 -6.52
C ALA A 97 -7.81 4.03 -7.74
N ILE A 98 -6.83 3.14 -7.74
CA ILE A 98 -6.70 2.16 -8.81
C ILE A 98 -7.99 1.35 -8.97
N ALA A 99 -8.54 0.89 -7.85
CA ALA A 99 -9.79 0.14 -7.87
C ALA A 99 -10.91 0.97 -8.49
N ILE A 100 -11.02 2.22 -8.06
CA ILE A 100 -11.99 3.14 -8.63
C ILE A 100 -11.76 3.29 -10.14
N ASP A 101 -10.51 3.54 -10.50
CA ASP A 101 -10.13 3.71 -11.90
C ASP A 101 -10.56 2.51 -12.73
N ARG A 102 -10.09 1.32 -12.35
CA ARG A 102 -10.42 0.10 -13.07
C ARG A 102 -11.92 -0.09 -13.20
N TYR A 103 -12.67 0.35 -12.18
CA TYR A 103 -14.12 0.25 -12.22
C TYR A 103 -14.73 1.25 -13.19
N ILE A 104 -14.25 2.49 -13.12
CA ILE A 104 -14.76 3.56 -13.98
C ILE A 104 -14.71 3.17 -15.46
N ALA A 105 -13.58 2.63 -15.89
CA ALA A 105 -13.40 2.22 -17.28
C ALA A 105 -14.45 1.20 -17.70
N ILE A 106 -14.61 0.16 -16.89
CA ILE A 106 -15.55 -0.92 -17.20
C ILE A 106 -17.00 -0.44 -17.14
N ALA A 107 -17.32 0.34 -16.10
CA ALA A 107 -18.67 0.85 -15.92
C ALA A 107 -19.00 1.93 -16.96
N ILE A 108 -18.10 2.90 -17.09
CA ILE A 108 -18.29 3.99 -18.04
C ILE A 108 -17.02 4.24 -18.84
N PRO A 109 -16.84 3.49 -19.95
CA PRO A 109 -15.66 3.61 -20.81
C PRO A 109 -15.62 4.96 -21.54
N LEU A 110 -16.79 5.47 -21.91
CA LEU A 110 -16.87 6.72 -22.65
C LEU A 110 -16.47 7.94 -21.79
N ARG A 111 -17.01 8.01 -20.59
CA ARG A 111 -16.69 9.10 -19.67
C ARG A 111 -15.37 8.86 -18.94
N TYR A 112 -14.79 7.68 -19.16
CA TYR A 112 -13.50 7.35 -18.55
C TYR A 112 -12.45 8.40 -18.93
N ASN A 113 -12.30 8.63 -20.23
CA ASN A 113 -11.32 9.61 -20.70
C ASN A 113 -11.70 11.04 -20.33
N GLY A 114 -12.99 11.28 -20.14
CA GLY A 114 -13.47 12.61 -19.78
C GLY A 114 -13.29 12.93 -18.31
N LEU A 115 -13.30 11.89 -17.48
CA LEU A 115 -13.17 12.08 -16.04
C LEU A 115 -11.77 11.70 -15.54
N VAL A 116 -11.29 10.54 -15.96
CA VAL A 116 -9.94 10.11 -15.63
C VAL A 116 -8.93 10.88 -16.46
N THR A 117 -8.50 12.03 -15.93
CA THR A 117 -7.53 12.88 -16.62
C THR A 117 -6.17 12.77 -15.96
N GLY A 118 -5.11 12.82 -16.77
CA GLY A 118 -3.76 12.75 -16.27
C GLY A 118 -3.45 13.86 -15.29
N THR A 119 -4.26 14.91 -15.32
CA THR A 119 -4.09 16.03 -14.41
C THR A 119 -4.73 15.74 -13.05
N ARG A 120 -5.97 15.25 -13.08
CA ARG A 120 -6.68 14.89 -11.85
C ARG A 120 -5.91 13.81 -11.09
N ALA A 121 -5.26 12.92 -11.83
CA ALA A 121 -4.46 11.87 -11.25
C ALA A 121 -3.38 12.46 -10.34
N ALA A 122 -2.60 13.37 -10.88
CA ALA A 122 -1.54 14.03 -10.13
C ALA A 122 -2.12 14.81 -8.95
N GLY A 123 -3.26 15.44 -9.16
CA GLY A 123 -3.93 16.19 -8.11
C GLY A 123 -4.37 15.32 -6.95
N ILE A 124 -5.04 14.21 -7.27
CA ILE A 124 -5.50 13.28 -6.26
C ILE A 124 -4.33 12.69 -5.47
N ILE A 125 -3.30 12.24 -6.19
CA ILE A 125 -2.11 11.69 -5.55
C ILE A 125 -1.56 12.62 -4.49
N ALA A 126 -1.37 13.88 -4.86
CA ALA A 126 -0.87 14.90 -3.94
C ALA A 126 -1.74 14.99 -2.69
N ILE A 127 -3.06 15.06 -2.88
CA ILE A 127 -3.99 15.12 -1.76
C ILE A 127 -3.86 13.89 -0.86
N CYS A 128 -3.79 12.72 -1.48
CA CYS A 128 -3.65 11.47 -0.75
C CYS A 128 -2.45 11.51 0.19
N TRP A 129 -1.33 12.02 -0.32
CA TRP A 129 -0.11 12.13 0.48
C TRP A 129 -0.28 13.10 1.65
N VAL A 130 -0.89 14.25 1.37
CA VAL A 130 -1.17 15.24 2.41
C VAL A 130 -2.02 14.63 3.51
N LEU A 131 -3.07 13.90 3.11
CA LEU A 131 -3.95 13.22 4.05
C LEU A 131 -3.20 12.09 4.75
N SER A 132 -2.33 11.42 4.02
CA SER A 132 -1.54 10.33 4.58
C SER A 132 -0.65 10.81 5.74
N PHE A 133 -0.04 11.98 5.57
CA PHE A 133 0.80 12.54 6.63
C PHE A 133 -0.02 12.95 7.84
N ALA A 134 -1.10 13.69 7.60
CA ALA A 134 -2.00 14.09 8.67
C ALA A 134 -2.39 12.87 9.51
N ILE A 135 -3.01 11.89 8.86
CA ILE A 135 -3.40 10.65 9.52
C ILE A 135 -2.19 9.94 10.13
N GLY A 136 -1.31 9.47 9.26
CA GLY A 136 -0.13 8.71 9.68
C GLY A 136 0.64 9.33 10.83
N LEU A 137 0.59 10.66 10.93
CA LEU A 137 1.32 11.36 11.99
C LEU A 137 0.38 12.07 12.97
N THR A 138 -0.84 11.55 13.11
CA THR A 138 -1.80 12.09 14.07
C THR A 138 -1.31 11.97 15.52
N PRO A 139 -0.63 10.87 15.85
CA PRO A 139 -0.06 10.76 17.20
C PRO A 139 0.88 11.91 17.52
N MET A 140 1.43 12.55 16.49
CA MET A 140 2.32 13.69 16.68
C MET A 140 1.52 14.96 16.94
N LEU A 141 0.23 14.92 16.63
CA LEU A 141 -0.65 16.06 16.86
C LEU A 141 -0.95 16.21 18.35
N GLY A 142 -0.50 15.24 19.15
CA GLY A 142 -0.72 15.27 20.58
C GLY A 142 -1.18 13.93 21.13
N TRP A 143 -1.78 13.13 20.26
CA TRP A 143 -2.30 11.82 20.66
C TRP A 143 -1.17 10.80 20.82
N ASN A 144 -0.41 10.93 21.90
CA ASN A 144 0.71 10.03 22.14
C ASN A 144 0.92 9.68 23.61
N ASN A 145 1.80 8.71 23.87
CA ASN A 145 2.11 8.30 25.24
C ASN A 145 3.55 8.63 25.63
N CYS A 146 3.99 9.84 25.31
CA CYS A 146 5.34 10.29 25.64
C CYS A 146 5.48 10.60 27.12
N GLY A 147 5.99 9.64 27.88
CA GLY A 147 6.22 9.83 29.31
C GLY A 147 5.06 9.42 30.18
N GLN A 148 4.25 8.48 29.68
CA GLN A 148 3.13 7.94 30.46
C GLN A 148 3.61 6.86 31.40
N PRO A 149 3.23 6.97 32.68
CA PRO A 149 3.67 6.10 33.78
C PRO A 149 3.90 4.66 33.38
N GLY A 158 17.70 6.62 32.86
CA GLY A 158 17.44 6.02 31.57
C GLY A 158 18.01 6.81 30.42
N CYS A 159 17.23 7.75 29.90
CA CYS A 159 17.66 8.58 28.78
C CYS A 159 17.87 10.03 29.22
N GLY A 160 17.41 10.34 30.42
CA GLY A 160 17.53 11.69 30.95
C GLY A 160 16.37 12.57 30.54
N GLU A 161 16.22 13.71 31.22
CA GLU A 161 15.15 14.65 30.91
C GLU A 161 15.27 15.17 29.47
N GLY A 162 14.13 15.36 28.82
CA GLY A 162 14.09 15.79 27.45
C GLY A 162 13.95 14.62 26.49
N GLN A 163 14.87 13.67 26.60
CA GLN A 163 14.83 12.47 25.77
C GLN A 163 13.93 11.41 26.39
N VAL A 164 13.21 10.68 25.54
CA VAL A 164 12.30 9.63 25.99
C VAL A 164 12.64 8.30 25.32
N ALA A 165 12.57 7.22 26.09
CA ALA A 165 12.78 5.88 25.56
C ALA A 165 11.85 5.64 24.39
N CYS A 166 12.41 5.66 23.18
CA CYS A 166 11.61 5.53 21.96
C CYS A 166 11.24 4.07 21.70
N LEU A 167 10.16 3.62 22.33
CA LEU A 167 9.64 2.28 22.12
C LEU A 167 8.23 2.36 21.57
N PHE A 168 8.04 1.82 20.37
CA PHE A 168 6.77 1.96 19.65
C PHE A 168 5.54 1.76 20.52
N GLU A 169 5.49 0.66 21.26
CA GLU A 169 4.32 0.34 22.08
C GLU A 169 4.15 1.31 23.25
N ASP A 170 5.26 1.88 23.71
CA ASP A 170 5.23 2.77 24.87
C ASP A 170 5.00 4.24 24.48
N VAL A 171 5.33 4.59 23.24
CA VAL A 171 5.23 5.96 22.78
C VAL A 171 4.07 6.19 21.82
N VAL A 172 3.43 5.10 21.39
CA VAL A 172 2.31 5.20 20.46
C VAL A 172 1.05 4.57 21.06
N PRO A 173 -0.01 5.38 21.22
CA PRO A 173 -1.28 4.96 21.80
C PRO A 173 -1.91 3.80 21.05
N MET A 174 -2.47 2.84 21.79
CA MET A 174 -3.12 1.69 21.18
C MET A 174 -4.50 2.05 20.63
N ASN A 175 -5.23 2.88 21.37
CA ASN A 175 -6.55 3.34 20.93
C ASN A 175 -6.50 3.95 19.54
N TYR A 176 -5.37 4.58 19.21
CA TYR A 176 -5.18 5.16 17.89
C TYR A 176 -4.90 4.09 16.85
N MET A 177 -4.06 3.12 17.22
CA MET A 177 -3.65 2.06 16.30
C MET A 177 -4.77 1.09 15.99
N VAL A 178 -5.81 1.11 16.82
CA VAL A 178 -6.92 0.17 16.67
C VAL A 178 -8.15 0.81 16.04
N TYR A 179 -8.70 1.82 16.71
CA TYR A 179 -9.91 2.49 16.23
C TYR A 179 -9.64 3.38 15.02
N PHE A 180 -8.90 4.47 15.25
CA PHE A 180 -8.63 5.45 14.20
C PHE A 180 -7.82 4.86 13.05
N ASN A 181 -6.73 4.18 13.37
CA ASN A 181 -5.80 3.69 12.34
C ASN A 181 -6.30 2.46 11.58
N PHE A 182 -6.59 1.39 12.31
CA PHE A 182 -7.01 0.14 11.68
C PHE A 182 -8.45 0.17 11.21
N PHE A 183 -9.38 0.08 12.15
CA PHE A 183 -10.80 -0.01 11.83
C PHE A 183 -11.26 1.01 10.79
N ALA A 184 -10.80 2.26 10.94
CA ALA A 184 -11.27 3.35 10.08
C ALA A 184 -10.39 3.57 8.85
N CYS A 185 -9.10 3.76 9.07
CA CYS A 185 -8.18 4.12 7.99
C CYS A 185 -7.69 2.93 7.16
N VAL A 186 -7.98 1.72 7.63
CA VAL A 186 -7.53 0.51 6.94
C VAL A 186 -8.69 -0.44 6.63
N LEU A 187 -9.40 -0.86 7.66
CA LEU A 187 -10.51 -1.80 7.50
C LEU A 187 -11.61 -1.25 6.61
N VAL A 188 -12.01 -0.02 6.86
CA VAL A 188 -13.06 0.62 6.06
C VAL A 188 -12.69 0.71 4.58
N PRO A 189 -11.50 1.25 4.27
CA PRO A 189 -11.07 1.31 2.87
C PRO A 189 -11.07 -0.08 2.22
N LEU A 190 -10.47 -1.05 2.89
CA LEU A 190 -10.43 -2.41 2.36
C LEU A 190 -11.83 -2.96 2.13
N LEU A 191 -12.79 -2.49 2.91
CA LEU A 191 -14.19 -2.90 2.73
C LEU A 191 -14.81 -2.16 1.55
N LEU A 192 -14.34 -0.93 1.33
CA LEU A 192 -14.78 -0.15 0.18
C LEU A 192 -14.16 -0.70 -1.10
N MET A 193 -12.84 -0.92 -1.07
CA MET A 193 -12.12 -1.48 -2.20
C MET A 193 -12.75 -2.82 -2.61
N LEU A 194 -12.82 -3.74 -1.67
CA LEU A 194 -13.44 -5.03 -1.92
C LEU A 194 -14.84 -4.85 -2.51
N GLY A 195 -15.58 -3.87 -1.98
CA GLY A 195 -16.90 -3.57 -2.47
C GLY A 195 -16.89 -3.09 -3.91
N VAL A 196 -15.86 -2.33 -4.26
CA VAL A 196 -15.71 -1.83 -5.63
C VAL A 196 -15.52 -2.99 -6.60
N TYR A 197 -14.56 -3.86 -6.31
CA TYR A 197 -14.31 -5.02 -7.17
C TYR A 197 -15.55 -5.87 -7.34
N LEU A 198 -16.41 -5.88 -6.33
CA LEU A 198 -17.66 -6.63 -6.40
C LEU A 198 -18.52 -6.17 -7.56
N ARG A 199 -18.63 -4.85 -7.71
CA ARG A 199 -19.42 -4.27 -8.80
C ARG A 199 -18.67 -4.39 -10.13
N ILE A 200 -17.34 -4.28 -10.07
CA ILE A 200 -16.50 -4.37 -11.25
C ILE A 200 -16.77 -5.65 -12.03
N PHE A 201 -16.53 -6.79 -11.39
CA PHE A 201 -16.62 -8.09 -12.05
C PHE A 201 -18.06 -8.53 -12.32
N ALA A 202 -18.98 -8.18 -11.42
CA ALA A 202 -20.38 -8.50 -11.61
C ALA A 202 -20.90 -7.85 -12.89
N ALA A 203 -20.61 -6.57 -13.06
CA ALA A 203 -21.03 -5.83 -14.25
C ALA A 203 -20.23 -6.25 -15.48
N ALA A 204 -18.94 -6.52 -15.27
CA ALA A 204 -18.06 -6.92 -16.37
C ALA A 204 -18.61 -8.16 -17.07
N ARG A 205 -19.04 -9.14 -16.29
CA ARG A 205 -19.61 -10.37 -16.84
C ARG A 205 -20.97 -10.10 -17.47
N ARG A 206 -21.65 -9.05 -17.01
CA ARG A 206 -22.91 -8.64 -17.61
C ARG A 206 -22.65 -8.09 -19.01
N GLN A 207 -21.55 -7.35 -19.15
CA GLN A 207 -21.14 -6.82 -20.44
C GLN A 207 -20.95 -7.96 -21.44
N LEU A 208 -20.25 -8.99 -21.01
CA LEU A 208 -20.00 -10.15 -21.85
C LEU A 208 -21.29 -10.86 -22.25
N LYS A 209 -22.28 -10.84 -21.35
CA LYS A 209 -23.56 -11.46 -21.62
C LYS A 209 -24.37 -10.67 -22.64
N GLN A 210 -24.31 -9.34 -22.55
CA GLN A 210 -24.97 -8.48 -23.52
C GLN A 210 -24.29 -8.64 -24.87
N MET A 211 -22.97 -8.74 -24.86
CA MET A 211 -22.22 -8.98 -26.08
C MET A 211 -22.32 -10.44 -26.48
N GLU A 212 -22.93 -11.24 -25.62
CA GLU A 212 -23.17 -12.65 -25.90
C GLU A 212 -24.46 -12.80 -26.70
N SER A 213 -25.31 -11.78 -26.61
CA SER A 213 -26.58 -11.76 -27.34
C SER A 213 -26.58 -10.67 -28.40
N GLN A 214 -25.42 -10.44 -29.00
CA GLN A 214 -25.28 -9.42 -30.03
C GLN A 214 -25.26 -10.05 -31.43
N PRO A 215 -26.01 -9.45 -32.36
CA PRO A 215 -26.12 -9.93 -33.75
C PRO A 215 -24.85 -9.69 -34.55
N LEU A 216 -23.73 -9.49 -33.87
CA LEU A 216 -22.46 -9.22 -34.56
C LEU A 216 -21.25 -9.71 -33.74
N PRO A 217 -20.17 -10.07 -34.43
CA PRO A 217 -18.93 -10.51 -33.78
C PRO A 217 -18.39 -9.46 -32.82
N GLY A 218 -17.85 -8.38 -33.37
CA GLY A 218 -17.31 -7.30 -32.57
C GLY A 218 -16.31 -7.77 -31.52
N GLU A 219 -15.29 -8.50 -31.97
CA GLU A 219 -14.27 -9.01 -31.07
C GLU A 219 -13.35 -7.90 -30.56
N ARG A 220 -13.49 -6.71 -31.14
CA ARG A 220 -12.74 -5.56 -30.67
C ARG A 220 -13.22 -5.14 -29.29
N ALA A 221 -14.53 -5.19 -29.08
CA ALA A 221 -15.12 -4.86 -27.79
C ALA A 221 -14.77 -5.92 -26.75
N ARG A 222 -14.94 -7.18 -27.12
CA ARG A 222 -14.63 -8.29 -26.22
C ARG A 222 -13.16 -8.29 -25.80
N SER A 223 -12.27 -8.27 -26.79
CA SER A 223 -10.83 -8.26 -26.52
C SER A 223 -10.45 -7.12 -25.58
N THR A 224 -10.95 -5.92 -25.88
CA THR A 224 -10.69 -4.76 -25.03
C THR A 224 -11.25 -4.97 -23.63
N LEU A 225 -12.50 -5.41 -23.55
CA LEU A 225 -13.16 -5.67 -22.28
C LEU A 225 -12.37 -6.67 -21.45
N GLN A 226 -11.99 -7.78 -22.07
CA GLN A 226 -11.22 -8.82 -21.39
C GLN A 226 -9.89 -8.29 -20.86
N LYS A 227 -9.27 -7.40 -21.62
CA LYS A 227 -8.00 -6.80 -21.22
C LYS A 227 -8.18 -5.80 -20.08
N GLU A 228 -9.29 -5.06 -20.13
CA GLU A 228 -9.65 -4.14 -19.05
C GLU A 228 -9.89 -4.94 -17.78
N VAL A 229 -10.58 -6.07 -17.92
CA VAL A 229 -10.82 -6.96 -16.80
C VAL A 229 -9.51 -7.55 -16.28
N HIS A 230 -8.62 -7.91 -17.21
CA HIS A 230 -7.32 -8.47 -16.84
C HIS A 230 -6.53 -7.49 -15.98
N ALA A 231 -6.67 -6.20 -16.29
CA ALA A 231 -6.01 -5.16 -15.51
C ALA A 231 -6.68 -5.00 -14.15
N ALA A 232 -8.01 -5.01 -14.15
CA ALA A 232 -8.78 -4.89 -12.92
C ALA A 232 -8.52 -6.09 -11.99
N LYS A 233 -8.34 -7.26 -12.58
CA LYS A 233 -8.03 -8.45 -11.82
C LYS A 233 -6.66 -8.35 -11.18
N SER A 234 -5.67 -7.95 -11.98
CA SER A 234 -4.32 -7.74 -11.48
C SER A 234 -4.33 -6.72 -10.34
N ALA A 235 -5.11 -5.67 -10.51
CA ALA A 235 -5.25 -4.64 -9.48
C ALA A 235 -5.81 -5.24 -8.20
N ALA A 236 -6.76 -6.15 -8.36
CA ALA A 236 -7.36 -6.83 -7.22
C ALA A 236 -6.32 -7.66 -6.47
N ILE A 237 -5.46 -8.33 -7.23
CA ILE A 237 -4.40 -9.15 -6.65
C ILE A 237 -3.38 -8.28 -5.90
N ILE A 238 -3.23 -7.04 -6.35
CA ILE A 238 -2.30 -6.11 -5.71
C ILE A 238 -2.83 -5.67 -4.35
N ALA A 239 -4.10 -5.31 -4.30
CA ALA A 239 -4.73 -4.88 -3.05
C ALA A 239 -4.94 -6.08 -2.13
N GLY A 240 -5.24 -7.23 -2.71
CA GLY A 240 -5.43 -8.44 -1.95
C GLY A 240 -4.22 -8.78 -1.12
N LEU A 241 -3.04 -8.66 -1.72
CA LEU A 241 -1.79 -8.94 -1.03
C LEU A 241 -1.50 -7.90 0.05
N PHE A 242 -2.17 -6.75 -0.03
CA PHE A 242 -1.98 -5.71 0.97
C PHE A 242 -2.62 -6.10 2.30
N ALA A 243 -3.93 -6.32 2.27
CA ALA A 243 -4.66 -6.77 3.45
C ALA A 243 -4.04 -8.05 3.99
N LEU A 244 -3.63 -8.93 3.08
CA LEU A 244 -3.06 -10.22 3.45
C LEU A 244 -1.74 -10.05 4.22
N CYS A 245 -1.05 -8.95 3.99
CA CYS A 245 0.25 -8.71 4.62
C CYS A 245 0.18 -7.73 5.78
N TRP A 246 -0.99 -7.17 6.03
CA TRP A 246 -1.16 -6.18 7.09
C TRP A 246 -2.17 -6.62 8.15
N LEU A 247 -3.18 -7.37 7.73
CA LEU A 247 -4.19 -7.87 8.67
C LEU A 247 -3.58 -8.59 9.87
N PRO A 248 -2.68 -9.56 9.61
CA PRO A 248 -2.07 -10.30 10.72
C PRO A 248 -1.52 -9.37 11.80
N LEU A 249 -0.91 -8.28 11.36
CA LEU A 249 -0.30 -7.31 12.27
C LEU A 249 -1.37 -6.60 13.12
N HIS A 250 -2.42 -6.15 12.44
CA HIS A 250 -3.54 -5.52 13.12
C HIS A 250 -4.31 -6.55 13.94
N ILE A 251 -4.46 -7.75 13.37
CA ILE A 251 -5.11 -8.85 14.06
C ILE A 251 -4.45 -9.10 15.40
N ILE A 252 -3.12 -9.12 15.40
CA ILE A 252 -2.35 -9.26 16.63
C ILE A 252 -2.70 -8.15 17.62
N ASN A 253 -2.68 -6.91 17.15
CA ASN A 253 -2.95 -5.77 18.02
C ASN A 253 -4.39 -5.77 18.53
N CYS A 254 -5.33 -6.15 17.67
CA CYS A 254 -6.72 -6.30 18.04
C CYS A 254 -6.86 -7.22 19.25
N PHE A 255 -6.03 -8.27 19.28
CA PHE A 255 -6.01 -9.20 20.42
C PHE A 255 -5.48 -8.49 21.66
N THR A 256 -4.31 -7.87 21.53
CA THR A 256 -3.64 -7.22 22.64
C THR A 256 -4.49 -6.12 23.27
N PHE A 257 -5.17 -5.34 22.43
CA PHE A 257 -6.00 -4.24 22.93
C PHE A 257 -7.33 -4.70 23.50
N PHE A 258 -8.18 -5.26 22.66
CA PHE A 258 -9.52 -5.69 23.08
C PHE A 258 -9.45 -6.79 24.13
N CYS A 259 -8.34 -7.50 24.17
CA CYS A 259 -8.15 -8.57 25.14
C CYS A 259 -6.83 -8.38 25.88
N PRO A 260 -6.84 -7.56 26.94
CA PRO A 260 -5.66 -7.33 27.78
C PRO A 260 -5.26 -8.63 28.44
N ASP A 261 -6.24 -9.51 28.61
CA ASP A 261 -6.01 -10.82 29.19
C ASP A 261 -5.29 -11.72 28.18
N CYS A 262 -5.77 -11.69 26.94
CA CYS A 262 -5.19 -12.49 25.87
C CYS A 262 -3.67 -12.35 25.81
N SER A 263 -2.99 -13.49 25.89
CA SER A 263 -1.52 -13.51 25.87
C SER A 263 -0.96 -12.49 24.89
N HIS A 264 -0.29 -11.47 25.43
CA HIS A 264 0.34 -10.45 24.59
C HIS A 264 1.27 -11.13 23.60
N ALA A 265 1.10 -10.82 22.32
CA ALA A 265 1.90 -11.44 21.27
C ALA A 265 3.38 -11.45 21.59
N PRO A 266 4.01 -12.64 21.51
CA PRO A 266 5.44 -12.79 21.77
C PRO A 266 6.25 -11.88 20.85
N LEU A 267 7.48 -11.59 21.22
CA LEU A 267 8.33 -10.73 20.41
C LEU A 267 8.70 -11.38 19.08
N TRP A 268 9.01 -12.67 19.12
CA TRP A 268 9.40 -13.40 17.92
C TRP A 268 8.26 -13.44 16.90
N LEU A 269 7.04 -13.68 17.38
CA LEU A 269 5.87 -13.70 16.51
C LEU A 269 5.55 -12.30 16.02
N MET A 270 5.73 -11.32 16.90
CA MET A 270 5.51 -9.92 16.54
C MET A 270 6.45 -9.54 15.39
N TYR A 271 7.70 -9.96 15.49
CA TYR A 271 8.68 -9.75 14.42
C TYR A 271 8.13 -10.21 13.09
N LEU A 272 7.77 -11.48 13.02
CA LEU A 272 7.26 -12.08 11.79
C LEU A 272 6.13 -11.24 11.19
N ALA A 273 5.15 -10.91 12.02
CA ALA A 273 4.04 -10.08 11.57
C ALA A 273 4.52 -8.72 11.07
N ILE A 274 5.43 -8.12 11.84
CA ILE A 274 6.03 -6.85 11.45
C ILE A 274 6.77 -6.97 10.12
N VAL A 275 7.56 -8.03 9.98
CA VAL A 275 8.32 -8.27 8.77
C VAL A 275 7.41 -8.46 7.55
N LEU A 276 6.34 -9.21 7.73
CA LEU A 276 5.40 -9.48 6.64
C LEU A 276 4.90 -8.18 5.99
N ALA A 277 4.69 -7.17 6.82
CA ALA A 277 4.22 -5.88 6.34
C ALA A 277 5.25 -5.22 5.42
N HIS A 278 6.51 -5.33 5.80
CA HIS A 278 7.60 -4.78 5.00
C HIS A 278 7.73 -5.51 3.68
N THR A 279 7.29 -6.77 3.66
CA THR A 279 7.40 -7.62 2.49
C THR A 279 6.49 -7.16 1.34
N ASN A 280 5.34 -6.61 1.68
CA ASN A 280 4.36 -6.18 0.69
C ASN A 280 4.93 -5.25 -0.37
N SER A 281 5.80 -4.34 0.07
CA SER A 281 6.43 -3.39 -0.84
C SER A 281 7.15 -4.08 -2.00
N VAL A 282 7.56 -5.32 -1.78
CA VAL A 282 8.37 -6.06 -2.76
C VAL A 282 7.54 -6.85 -3.77
N VAL A 283 6.39 -7.37 -3.35
CA VAL A 283 5.60 -8.25 -4.19
C VAL A 283 5.09 -7.56 -5.46
N ASN A 284 4.98 -6.24 -5.40
CA ASN A 284 4.46 -5.49 -6.54
C ASN A 284 5.32 -5.61 -7.80
N PRO A 285 6.58 -5.16 -7.75
CA PRO A 285 7.43 -5.27 -8.94
C PRO A 285 7.34 -6.63 -9.62
N PHE A 286 7.26 -7.70 -8.84
CA PHE A 286 7.21 -9.04 -9.42
C PHE A 286 5.82 -9.38 -9.96
N ILE A 287 4.79 -8.82 -9.34
CA ILE A 287 3.42 -9.04 -9.81
C ILE A 287 3.17 -8.32 -11.13
N TYR A 288 3.89 -7.24 -11.37
CA TYR A 288 3.78 -6.53 -12.65
C TYR A 288 4.47 -7.32 -13.76
N ALA A 289 5.68 -7.80 -13.49
CA ALA A 289 6.42 -8.59 -14.45
C ALA A 289 5.66 -9.87 -14.82
N TYR A 290 4.97 -10.44 -13.84
CA TYR A 290 4.21 -11.66 -14.07
C TYR A 290 2.86 -11.40 -14.72
N ARG A 291 2.05 -10.55 -14.10
CA ARG A 291 0.70 -10.28 -14.57
C ARG A 291 0.67 -9.53 -15.90
N ILE A 292 1.49 -8.49 -16.03
CA ILE A 292 1.48 -7.66 -17.23
C ILE A 292 2.59 -8.03 -18.20
N ARG A 293 2.19 -8.61 -19.34
CA ARG A 293 3.14 -9.01 -20.37
C ARG A 293 3.85 -7.79 -20.95
N GLU A 294 3.23 -6.62 -20.83
CA GLU A 294 3.83 -5.37 -21.29
C GLU A 294 4.93 -4.93 -20.35
N PHE A 295 4.75 -5.19 -19.06
CA PHE A 295 5.73 -4.81 -18.05
C PHE A 295 6.99 -5.66 -18.12
N ARG A 296 6.82 -6.98 -18.12
CA ARG A 296 7.95 -7.90 -18.14
C ARG A 296 8.91 -7.61 -19.29
N GLN A 297 8.37 -7.39 -20.48
CA GLN A 297 9.18 -7.11 -21.66
C GLN A 297 9.96 -5.80 -21.50
N THR A 298 9.38 -4.86 -20.76
CA THR A 298 10.04 -3.58 -20.52
C THR A 298 11.25 -3.76 -19.61
N PHE A 299 11.06 -4.45 -18.49
CA PHE A 299 12.13 -4.70 -17.55
C PHE A 299 13.26 -5.49 -18.22
N ARG A 300 12.87 -6.50 -18.99
CA ARG A 300 13.83 -7.35 -19.70
C ARG A 300 14.78 -6.49 -20.55
N LYS A 301 14.23 -5.44 -21.15
CA LYS A 301 15.03 -4.51 -21.94
C LYS A 301 16.05 -3.78 -21.06
N ILE A 302 15.55 -3.20 -19.98
CA ILE A 302 16.39 -2.42 -19.07
C ILE A 302 17.59 -3.22 -18.56
N ILE A 303 17.32 -4.39 -18.00
CA ILE A 303 18.37 -5.23 -17.44
C ILE A 303 19.45 -5.55 -18.46
N ARG A 304 19.03 -6.10 -19.60
CA ARG A 304 19.95 -6.45 -20.68
C ARG A 304 20.78 -5.25 -21.12
N SER A 305 20.11 -4.15 -21.42
CA SER A 305 20.79 -2.95 -21.88
C SER A 305 21.01 -1.99 -20.72
#